data_9I5J
#
_entry.id   9I5J
#
_cell.length_a   89.179
_cell.length_b   127.121
_cell.length_c   62.526
_cell.angle_alpha   90.000
_cell.angle_beta   90.000
_cell.angle_gamma   90.000
#
_symmetry.space_group_name_H-M   'C 2 2 21'
#
loop_
_entity.id
_entity.type
_entity.pdbx_description
1 polymer 'Monoglyceride lipase'
2 non-polymer 1,2-ETHANEDIOL
3 non-polymer [4-(5-chloranyl-[1,3]oxazolo[4,5-b]pyridin-2-yl)piperazin-1-yl]-[2-[4-(1-cyclobutylcyclopropyl)pyridin-3-yl]-1,3-benzoxazol-6-yl]methanone
4 water water
#
_entity_poly.entity_id   1
_entity_poly.type   'polypeptide(L)'
_entity_poly.pdbx_seq_one_letter_code
;MGSSHHHHHHSSGENLYFQGMPEESSPRRTPQSIPYQDLPHLVNADGQYLFCRYWAPTGTPKALIFVSHGAGEHSGRYEE
LARMLMGLDLLVFAHDHVGHGQSEGERMVVSDFHVFVRDVLQHVDSMQKDYPGLPVFLLGHSMGGAIAILTAAERPGHFA
GMVLISPLVLANPESATTFKVLAAKVLNSVLPNLSSGPIDSSVLSRNKTEVDIYNSDPLICRAGLKVCFGIQLLNAVSRV
ERALPKLTVPFLLLQGSADRLCDSKGAYLLMELAKSQDKTLKIYEGAYHVLHKELPEVTNSVFHEINMWVSQRTATAGTA
SPP
;
_entity_poly.pdbx_strand_id   A
#
loop_
_chem_comp.id
_chem_comp.type
_chem_comp.name
_chem_comp.formula
A1IZ4 non-polymer [4-(5-chloranyl-[1,3]oxazolo[4,5-b]pyridin-2-yl)piperazin-1-yl]-[2-[4-(1-cyclobutylcyclopropyl)pyridin-3-yl]-1,3-benzoxazol-6-yl]methanone 'C30 H27 Cl N6 O3'
EDO non-polymer 1,2-ETHANEDIOL 'C2 H6 O2'
#
# COMPACT_ATOMS: atom_id res chain seq x y z
N SER A 26 2.15 -1.89 33.18
CA SER A 26 1.72 -3.00 32.33
C SER A 26 2.05 -2.72 30.87
N PRO A 27 2.60 -3.72 30.18
CA PRO A 27 3.24 -3.46 28.88
C PRO A 27 2.22 -3.09 27.81
N ARG A 28 2.67 -2.22 26.89
CA ARG A 28 1.88 -1.88 25.71
C ARG A 28 1.69 -3.12 24.87
N ARG A 29 0.45 -3.40 24.46
CA ARG A 29 0.12 -4.60 23.72
C ARG A 29 -0.51 -4.22 22.38
N THR A 30 -0.38 -5.13 21.42
CA THR A 30 -1.07 -4.96 20.15
C THR A 30 -2.57 -5.04 20.41
N PRO A 31 -3.40 -4.68 19.43
CA PRO A 31 -4.86 -4.83 19.61
C PRO A 31 -5.27 -6.28 19.81
N GLN A 32 -4.38 -7.24 19.54
CA GLN A 32 -4.61 -8.65 19.78
C GLN A 32 -3.95 -9.13 21.07
N SER A 33 -3.53 -8.20 21.94
CA SER A 33 -3.06 -8.47 23.30
C SER A 33 -1.64 -9.02 23.40
N ILE A 34 -0.82 -8.92 22.36
CA ILE A 34 0.55 -9.40 22.40
C ILE A 34 1.43 -8.23 22.81
N PRO A 35 2.25 -8.36 23.84
CA PRO A 35 3.18 -7.27 24.20
C PRO A 35 4.08 -6.90 23.04
N TYR A 36 4.21 -5.58 22.80
CA TYR A 36 5.13 -5.12 21.77
C TYR A 36 6.56 -5.53 22.08
N GLN A 37 6.92 -5.68 23.37
CA GLN A 37 8.27 -6.12 23.68
C GLN A 37 8.59 -7.50 23.13
N ASP A 38 7.57 -8.27 22.74
CA ASP A 38 7.77 -9.58 22.15
C ASP A 38 7.79 -9.55 20.62
N LEU A 39 7.70 -8.38 19.99
CA LEU A 39 7.54 -8.30 18.53
C LEU A 39 8.41 -7.19 17.96
N PRO A 40 8.86 -7.32 16.71
CA PRO A 40 9.54 -6.19 16.08
C PRO A 40 8.60 -5.02 15.94
N HIS A 41 9.08 -3.82 16.27
CA HIS A 41 8.19 -2.67 16.32
C HIS A 41 9.00 -1.38 16.13
N LEU A 42 8.26 -0.30 16.00
CA LEU A 42 8.77 1.06 15.87
C LEU A 42 7.71 1.95 16.49
N VAL A 43 8.11 3.01 17.19
CA VAL A 43 7.14 3.98 17.72
C VAL A 43 7.13 5.20 16.82
N ASN A 44 5.94 5.59 16.36
CA ASN A 44 5.85 6.67 15.39
C ASN A 44 5.87 8.03 16.11
N ALA A 45 5.72 9.11 15.32
CA ALA A 45 5.84 10.47 15.84
C ALA A 45 4.69 10.85 16.78
N ASP A 46 3.56 10.15 16.71
CA ASP A 46 2.46 10.33 17.63
C ASP A 46 2.53 9.38 18.82
N GLY A 47 3.65 8.70 19.03
CA GLY A 47 3.77 7.78 20.15
C GLY A 47 3.01 6.47 20.02
N GLN A 48 2.61 6.10 18.81
CA GLN A 48 1.89 4.84 18.57
C GLN A 48 2.87 3.76 18.10
N TYR A 49 2.68 2.54 18.62
CA TYR A 49 3.50 1.40 18.23
C TYR A 49 3.01 0.87 16.89
N LEU A 50 3.94 0.73 15.94
CA LEU A 50 3.70 0.06 14.67
C LEU A 50 4.39 -1.31 14.71
N PHE A 51 3.65 -2.36 14.33
CA PHE A 51 4.23 -3.69 14.21
C PHE A 51 5.02 -3.77 12.92
N CYS A 52 6.21 -4.37 12.98
CA CYS A 52 7.13 -4.43 11.85
C CYS A 52 7.46 -5.85 11.44
N ARG A 53 7.86 -6.00 10.16
CA ARG A 53 8.32 -7.27 9.60
C ARG A 53 9.58 -7.03 8.79
N TYR A 54 10.47 -8.04 8.83
CA TYR A 54 11.73 -8.01 8.09
C TYR A 54 11.96 -9.36 7.44
N TRP A 55 12.47 -9.32 6.20
CA TRP A 55 12.92 -10.51 5.50
C TRP A 55 14.28 -10.19 4.89
N ALA A 56 15.36 -10.69 5.52
CA ALA A 56 16.70 -10.36 5.07
C ALA A 56 17.40 -11.59 4.50
N PRO A 57 18.22 -11.41 3.45
CA PRO A 57 18.95 -12.54 2.88
C PRO A 57 20.13 -12.94 3.77
N THR A 58 20.67 -14.12 3.50
CA THR A 58 21.84 -14.57 4.25
C THR A 58 23.10 -13.82 3.84
N GLY A 59 23.19 -13.43 2.56
CA GLY A 59 24.31 -12.64 2.09
C GLY A 59 24.11 -11.15 2.34
N THR A 60 25.06 -10.37 1.81
CA THR A 60 24.97 -8.92 1.90
C THR A 60 23.84 -8.42 1.00
N PRO A 61 23.01 -7.50 1.47
CA PRO A 61 21.86 -7.07 0.64
C PRO A 61 22.31 -6.16 -0.49
N LYS A 62 21.64 -6.31 -1.64
CA LYS A 62 21.87 -5.41 -2.76
C LYS A 62 21.10 -4.11 -2.63
N ALA A 63 19.98 -4.12 -1.90
CA ALA A 63 19.14 -2.94 -1.76
C ALA A 63 18.12 -3.21 -0.66
N LEU A 64 17.43 -2.16 -0.28
CA LEU A 64 16.32 -2.24 0.66
C LEU A 64 15.02 -2.05 -0.10
N ILE A 65 13.95 -2.69 0.37
CA ILE A 65 12.65 -2.42 -0.24
C ILE A 65 11.56 -2.44 0.83
N PHE A 66 10.79 -1.35 0.91
CA PHE A 66 9.68 -1.28 1.84
C PHE A 66 8.37 -1.68 1.17
N VAL A 67 7.60 -2.53 1.84
CA VAL A 67 6.31 -3.01 1.34
C VAL A 67 5.20 -2.28 2.06
N SER A 68 4.35 -1.60 1.28
CA SER A 68 3.29 -0.72 1.75
C SER A 68 1.93 -1.34 1.45
N HIS A 69 1.25 -1.84 2.48
CA HIS A 69 -0.03 -2.52 2.31
C HIS A 69 -1.17 -1.52 2.16
N GLY A 70 -2.35 -2.04 1.79
CA GLY A 70 -3.51 -1.21 1.55
C GLY A 70 -4.47 -1.12 2.72
N ALA A 71 -5.62 -0.49 2.45
CA ALA A 71 -6.63 -0.24 3.48
C ALA A 71 -7.25 -1.54 3.95
N GLY A 72 -7.38 -1.64 5.28
CA GLY A 72 -8.02 -2.76 5.94
C GLY A 72 -7.19 -4.02 6.03
N GLU A 73 -6.08 -4.12 5.29
CA GLU A 73 -5.27 -5.33 5.33
C GLU A 73 -4.06 -5.10 6.22
N HIS A 74 -2.97 -5.84 5.99
CA HIS A 74 -1.82 -5.80 6.89
C HIS A 74 -0.62 -6.41 6.15
N SER A 75 0.56 -6.20 6.73
CA SER A 75 1.82 -6.59 6.11
C SER A 75 1.97 -8.10 5.93
N GLY A 76 1.28 -8.90 6.75
CA GLY A 76 1.40 -10.35 6.64
C GLY A 76 0.87 -10.90 5.33
N ARG A 77 0.02 -10.14 4.64
CA ARG A 77 -0.50 -10.54 3.34
C ARG A 77 0.57 -10.57 2.25
N TYR A 78 1.78 -10.05 2.53
CA TYR A 78 2.84 -9.92 1.53
C TYR A 78 3.94 -10.95 1.72
N GLU A 79 3.66 -12.02 2.46
CA GLU A 79 4.70 -12.98 2.81
C GLU A 79 5.40 -13.54 1.56
N GLU A 80 4.62 -14.06 0.61
CA GLU A 80 5.22 -14.70 -0.58
C GLU A 80 5.99 -13.70 -1.44
N LEU A 81 5.42 -12.52 -1.70
CA LEU A 81 6.14 -11.51 -2.45
C LEU A 81 7.45 -11.12 -1.76
N ALA A 82 7.39 -10.92 -0.43
CA ALA A 82 8.57 -10.54 0.32
C ALA A 82 9.65 -11.61 0.22
N ARG A 83 9.27 -12.88 0.33
CA ARG A 83 10.26 -13.93 0.24
C ARG A 83 10.86 -14.03 -1.15
N MET A 84 10.07 -13.75 -2.18
CA MET A 84 10.64 -13.68 -3.53
C MET A 84 11.70 -12.58 -3.60
N LEU A 85 11.40 -11.40 -3.04
CA LEU A 85 12.32 -10.28 -3.12
C LEU A 85 13.58 -10.55 -2.32
N MET A 86 13.41 -11.13 -1.11
CA MET A 86 14.58 -11.50 -0.33
CA MET A 86 14.56 -11.54 -0.31
C MET A 86 15.45 -12.51 -1.09
N GLY A 87 14.84 -13.39 -1.89
CA GLY A 87 15.57 -14.31 -2.73
C GLY A 87 16.41 -13.65 -3.81
N LEU A 88 16.10 -12.40 -4.16
CA LEU A 88 16.94 -11.58 -5.02
C LEU A 88 18.00 -10.82 -4.25
N ASP A 89 18.18 -11.15 -2.97
CA ASP A 89 19.15 -10.50 -2.08
C ASP A 89 18.77 -9.07 -1.73
N LEU A 90 17.49 -8.73 -1.77
CA LEU A 90 17.06 -7.48 -1.18
C LEU A 90 16.65 -7.74 0.27
N LEU A 91 16.82 -6.71 1.09
CA LEU A 91 16.33 -6.72 2.47
C LEU A 91 14.96 -6.06 2.43
N VAL A 92 13.92 -6.84 2.65
CA VAL A 92 12.54 -6.38 2.57
C VAL A 92 12.07 -6.01 3.97
N PHE A 93 11.36 -4.90 4.09
CA PHE A 93 10.82 -4.51 5.39
C PHE A 93 9.44 -3.90 5.21
N ALA A 94 8.67 -3.92 6.29
CA ALA A 94 7.30 -3.42 6.23
C ALA A 94 6.85 -3.12 7.65
N HIS A 95 5.75 -2.39 7.74
CA HIS A 95 5.01 -2.31 8.99
C HIS A 95 3.52 -2.26 8.70
N ASP A 96 2.72 -2.57 9.72
CA ASP A 96 1.28 -2.34 9.61
C ASP A 96 1.04 -0.86 9.82
N HIS A 97 0.34 -0.23 8.88
CA HIS A 97 0.01 1.19 9.04
C HIS A 97 -0.82 1.38 10.31
N VAL A 98 -0.75 2.61 10.84
CA VAL A 98 -1.57 2.95 12.00
CA VAL A 98 -1.59 3.00 11.97
C VAL A 98 -3.03 2.55 11.73
N GLY A 99 -3.66 1.98 12.77
CA GLY A 99 -5.03 1.55 12.67
C GLY A 99 -5.24 0.25 11.93
N HIS A 100 -4.18 -0.49 11.62
CA HIS A 100 -4.30 -1.72 10.86
C HIS A 100 -3.54 -2.84 11.54
N GLY A 101 -3.98 -4.07 11.27
CA GLY A 101 -3.19 -5.25 11.61
C GLY A 101 -2.83 -5.26 13.08
N GLN A 102 -1.54 -5.41 13.34
CA GLN A 102 -1.05 -5.53 14.72
C GLN A 102 -0.49 -4.21 15.23
N SER A 103 -0.66 -3.13 14.49
CA SER A 103 -0.26 -1.82 15.00
C SER A 103 -1.35 -1.19 15.85
N GLU A 104 -0.97 -0.15 16.59
CA GLU A 104 -1.91 0.58 17.43
C GLU A 104 -2.78 1.51 16.60
N GLY A 105 -3.79 2.07 17.26
CA GLY A 105 -4.67 3.07 16.71
C GLY A 105 -6.08 2.55 16.54
N GLU A 106 -7.06 3.44 16.69
CA GLU A 106 -8.44 3.05 16.45
C GLU A 106 -8.53 2.49 15.03
N ARG A 107 -9.23 1.37 14.87
CA ARG A 107 -9.21 0.64 13.60
C ARG A 107 -9.73 1.52 12.47
N MET A 108 -8.94 1.60 11.39
CA MET A 108 -9.33 2.31 10.17
CA MET A 108 -9.39 2.28 10.18
C MET A 108 -9.75 3.76 10.44
N VAL A 109 -8.98 4.43 11.28
N VAL A 109 -8.95 4.41 11.29
CA VAL A 109 -9.07 5.88 11.38
CA VAL A 109 -9.00 5.84 11.54
C VAL A 109 -7.66 6.43 11.30
C VAL A 109 -7.61 6.40 11.28
N VAL A 110 -7.54 7.61 10.71
CA VAL A 110 -6.25 8.28 10.59
C VAL A 110 -6.50 9.77 10.65
N SER A 111 -5.70 10.47 11.47
CA SER A 111 -5.94 11.90 11.65
C SER A 111 -5.81 12.64 10.32
N ASP A 112 -4.81 12.27 9.53
CA ASP A 112 -4.66 12.76 8.17
C ASP A 112 -3.89 11.73 7.38
N PHE A 113 -4.20 11.62 6.07
CA PHE A 113 -3.56 10.59 5.27
C PHE A 113 -2.03 10.69 5.32
N HIS A 114 -1.47 11.90 5.50
CA HIS A 114 -0.02 12.04 5.49
C HIS A 114 0.65 11.29 6.63
N VAL A 115 -0.10 10.95 7.69
CA VAL A 115 0.45 10.13 8.77
C VAL A 115 1.08 8.87 8.20
N PHE A 116 0.42 8.24 7.22
CA PHE A 116 0.94 6.99 6.65
C PHE A 116 2.27 7.25 5.97
N VAL A 117 2.37 8.36 5.23
CA VAL A 117 3.59 8.69 4.51
C VAL A 117 4.72 9.01 5.49
N ARG A 118 4.42 9.86 6.48
CA ARG A 118 5.36 10.18 7.54
C ARG A 118 5.94 8.92 8.18
N ASP A 119 5.06 7.96 8.50
CA ASP A 119 5.52 6.74 9.17
C ASP A 119 6.37 5.87 8.25
N VAL A 120 6.02 5.78 6.95
CA VAL A 120 6.90 5.06 6.03
C VAL A 120 8.28 5.71 6.00
N LEU A 121 8.31 7.05 5.90
CA LEU A 121 9.59 7.74 5.86
C LEU A 121 10.41 7.52 7.13
N GLN A 122 9.75 7.48 8.31
CA GLN A 122 10.50 7.19 9.52
C GLN A 122 11.16 5.82 9.43
N HIS A 123 10.41 4.80 9.00
CA HIS A 123 10.95 3.46 8.95
C HIS A 123 12.07 3.35 7.91
N VAL A 124 11.87 3.95 6.73
CA VAL A 124 12.94 4.00 5.72
C VAL A 124 14.19 4.66 6.30
N ASP A 125 14.04 5.84 6.92
CA ASP A 125 15.19 6.54 7.47
C ASP A 125 15.89 5.71 8.55
N SER A 126 15.12 5.03 9.39
CA SER A 126 15.71 4.15 10.40
CA SER A 126 15.74 4.17 10.40
C SER A 126 16.51 3.03 9.76
N MET A 127 15.96 2.41 8.72
CA MET A 127 16.65 1.30 8.07
C MET A 127 17.91 1.75 7.33
N GLN A 128 17.88 2.94 6.74
CA GLN A 128 19.05 3.41 6.01
C GLN A 128 20.19 3.76 6.96
N LYS A 129 19.86 4.22 8.16
CA LYS A 129 20.88 4.34 9.19
C LYS A 129 21.51 2.98 9.50
N ASP A 130 20.67 1.95 9.69
CA ASP A 130 21.17 0.63 10.04
C ASP A 130 21.90 -0.06 8.90
N TYR A 131 21.49 0.18 7.66
CA TYR A 131 22.06 -0.49 6.49
C TYR A 131 22.43 0.57 5.47
N PRO A 132 23.47 1.36 5.74
CA PRO A 132 23.73 2.55 4.93
C PRO A 132 24.34 2.21 3.57
N GLY A 133 24.23 3.16 2.66
CA GLY A 133 24.72 2.99 1.31
C GLY A 133 23.83 2.18 0.39
N LEU A 134 22.71 1.66 0.88
CA LEU A 134 21.94 0.83 -0.03
C LEU A 134 20.87 1.65 -0.73
N PRO A 135 20.60 1.39 -2.01
CA PRO A 135 19.42 2.00 -2.65
C PRO A 135 18.16 1.45 -2.00
N VAL A 136 17.11 2.25 -2.02
CA VAL A 136 15.84 1.85 -1.40
CA VAL A 136 15.83 1.89 -1.39
C VAL A 136 14.74 1.91 -2.44
N PHE A 137 13.95 0.83 -2.50
CA PHE A 137 12.78 0.74 -3.35
C PHE A 137 11.52 0.77 -2.49
N LEU A 138 10.39 1.08 -3.12
CA LEU A 138 9.08 0.98 -2.50
C LEU A 138 8.22 0.02 -3.34
N LEU A 139 7.38 -0.77 -2.67
CA LEU A 139 6.36 -1.56 -3.35
C LEU A 139 5.05 -1.30 -2.63
N GLY A 140 4.02 -0.91 -3.37
CA GLY A 140 2.75 -0.62 -2.74
C GLY A 140 1.58 -1.11 -3.57
N HIS A 141 0.52 -1.56 -2.91
CA HIS A 141 -0.69 -2.03 -3.55
C HIS A 141 -1.87 -1.21 -3.07
N SER A 142 -2.71 -0.74 -4.01
CA SER A 142 -4.00 -0.15 -3.68
C SER A 142 -3.76 1.11 -2.86
N MET A 143 -4.36 1.25 -1.67
CA MET A 143 -4.06 2.43 -0.86
C MET A 143 -2.57 2.53 -0.59
N GLY A 144 -1.91 1.38 -0.40
CA GLY A 144 -0.47 1.38 -0.18
C GLY A 144 0.30 1.90 -1.37
N GLY A 145 -0.27 1.77 -2.58
CA GLY A 145 0.35 2.37 -3.75
C GLY A 145 0.23 3.88 -3.78
N ALA A 146 -0.91 4.42 -3.31
CA ALA A 146 -0.99 5.87 -3.14
C ALA A 146 0.02 6.35 -2.10
N ILE A 147 0.16 5.60 -1.01
CA ILE A 147 1.18 5.94 -0.01
C ILE A 147 2.56 5.95 -0.63
N ALA A 148 2.88 4.92 -1.44
CA ALA A 148 4.17 4.85 -2.09
C ALA A 148 4.40 6.05 -3.00
N ILE A 149 3.40 6.42 -3.80
CA ILE A 149 3.53 7.56 -4.70
C ILE A 149 3.84 8.82 -3.92
N LEU A 150 3.08 9.07 -2.84
CA LEU A 150 3.26 10.30 -2.07
C LEU A 150 4.58 10.28 -1.31
N THR A 151 5.05 9.09 -0.94
CA THR A 151 6.34 8.98 -0.26
C THR A 151 7.48 9.34 -1.22
N ALA A 152 7.48 8.73 -2.42
CA ALA A 152 8.49 9.08 -3.41
C ALA A 152 8.42 10.57 -3.76
N ALA A 153 7.21 11.12 -3.85
CA ALA A 153 7.07 12.51 -4.25
C ALA A 153 7.65 13.45 -3.21
N GLU A 154 7.58 13.06 -1.94
CA GLU A 154 8.14 13.87 -0.87
C GLU A 154 9.66 13.91 -0.92
N ARG A 155 10.30 12.89 -1.47
CA ARG A 155 11.75 12.79 -1.51
C ARG A 155 12.22 12.59 -2.95
N PRO A 156 12.01 13.59 -3.81
CA PRO A 156 12.39 13.43 -5.22
C PRO A 156 13.88 13.15 -5.33
N GLY A 157 14.21 12.13 -6.11
CA GLY A 157 15.57 11.73 -6.31
C GLY A 157 16.11 10.72 -5.32
N HIS A 158 15.39 10.40 -4.24
CA HIS A 158 16.00 9.55 -3.23
C HIS A 158 15.68 8.06 -3.37
N PHE A 159 14.53 7.70 -3.91
CA PHE A 159 14.21 6.28 -4.08
C PHE A 159 14.66 5.76 -5.44
N ALA A 160 15.18 4.54 -5.44
CA ALA A 160 15.68 3.91 -6.66
C ALA A 160 14.58 3.43 -7.58
N GLY A 161 13.39 3.18 -7.06
CA GLY A 161 12.34 2.60 -7.87
C GLY A 161 11.14 2.31 -7.01
N MET A 162 10.01 2.13 -7.69
CA MET A 162 8.73 1.94 -7.02
C MET A 162 7.97 0.91 -7.85
N VAL A 163 7.49 -0.13 -7.20
CA VAL A 163 6.63 -1.14 -7.83
C VAL A 163 5.22 -0.89 -7.32
N LEU A 164 4.28 -0.66 -8.24
CA LEU A 164 2.91 -0.33 -7.92
C LEU A 164 1.98 -1.41 -8.46
N ILE A 165 1.26 -2.08 -7.57
CA ILE A 165 0.25 -3.06 -7.92
C ILE A 165 -1.10 -2.40 -7.71
N SER A 166 -1.82 -2.14 -8.79
CA SER A 166 -3.14 -1.49 -8.78
CA SER A 166 -3.15 -1.51 -8.76
C SER A 166 -3.20 -0.35 -7.77
N PRO A 167 -2.36 0.67 -7.92
CA PRO A 167 -2.34 1.77 -6.95
C PRO A 167 -3.61 2.61 -7.03
N LEU A 168 -4.00 3.17 -5.88
CA LEU A 168 -5.14 4.08 -5.82
C LEU A 168 -4.73 5.40 -6.45
N VAL A 169 -5.15 5.63 -7.70
CA VAL A 169 -4.87 6.87 -8.42
C VAL A 169 -6.19 7.53 -8.74
N LEU A 170 -7.08 6.79 -9.40
CA LEU A 170 -8.45 7.21 -9.64
C LEU A 170 -9.37 6.12 -9.12
N ALA A 171 -10.26 6.49 -8.20
CA ALA A 171 -11.23 5.53 -7.72
C ALA A 171 -12.28 5.24 -8.79
N ASN A 172 -12.88 4.06 -8.69
CA ASN A 172 -14.04 3.73 -9.51
C ASN A 172 -15.02 4.90 -9.48
N PRO A 173 -15.33 5.53 -10.62
CA PRO A 173 -16.11 6.78 -10.60
C PRO A 173 -17.45 6.65 -9.93
N GLU A 174 -18.12 5.51 -10.12
CA GLU A 174 -19.42 5.32 -9.51
C GLU A 174 -19.31 5.19 -8.00
N SER A 175 -18.42 4.31 -7.52
CA SER A 175 -18.21 4.16 -6.09
CA SER A 175 -18.23 4.16 -6.09
C SER A 175 -17.80 5.47 -5.45
N ALA A 176 -17.00 6.28 -6.16
CA ALA A 176 -16.52 7.54 -5.60
C ALA A 176 -17.64 8.56 -5.50
N THR A 177 -18.50 8.64 -6.51
CA THR A 177 -19.61 9.57 -6.46
C THR A 177 -20.58 9.20 -5.34
N THR A 178 -20.94 7.92 -5.25
CA THR A 178 -21.80 7.45 -4.15
C THR A 178 -21.19 7.80 -2.80
N PHE A 179 -19.92 7.48 -2.61
CA PHE A 179 -19.27 7.80 -1.35
C PHE A 179 -19.29 9.30 -1.08
N LYS A 180 -19.03 10.12 -2.11
CA LYS A 180 -18.99 11.57 -1.91
C LYS A 180 -20.30 12.12 -1.33
N VAL A 181 -21.40 11.42 -1.54
CA VAL A 181 -22.66 11.78 -0.89
C VAL A 181 -22.54 11.66 0.62
N LEU A 182 -22.15 10.46 1.11
CA LEU A 182 -21.89 10.29 2.54
C LEU A 182 -20.88 11.31 3.04
N ALA A 183 -19.81 11.52 2.28
CA ALA A 183 -18.78 12.48 2.68
C ALA A 183 -19.37 13.86 2.88
N ALA A 184 -20.38 14.23 2.07
CA ALA A 184 -21.03 15.52 2.23
C ALA A 184 -21.70 15.63 3.59
N LYS A 185 -22.32 14.54 4.06
CA LYS A 185 -22.94 14.57 5.38
C LYS A 185 -21.90 14.81 6.47
N VAL A 186 -20.82 14.04 6.44
CA VAL A 186 -19.84 14.11 7.52
C VAL A 186 -19.07 15.43 7.50
N LEU A 187 -18.81 15.98 6.32
CA LEU A 187 -18.05 17.22 6.24
C LEU A 187 -18.88 18.42 6.68
N ASN A 188 -20.19 18.36 6.53
CA ASN A 188 -21.07 19.47 6.88
C ASN A 188 -21.75 19.32 8.23
N SER A 189 -21.75 18.13 8.79
CA SER A 189 -22.43 17.88 10.06
C SER A 189 -21.45 17.19 11.01
N VAL A 190 -21.90 16.92 12.22
CA VAL A 190 -21.11 16.17 13.19
C VAL A 190 -21.68 14.76 13.23
N LEU A 191 -21.06 13.83 12.49
CA LEU A 191 -21.54 12.46 12.38
C LEU A 191 -20.34 11.53 12.48
N PRO A 192 -19.80 11.36 13.69
CA PRO A 192 -18.51 10.67 13.83
C PRO A 192 -18.54 9.18 13.55
N ASN A 193 -19.71 8.54 13.54
CA ASN A 193 -19.80 7.09 13.41
C ASN A 193 -20.37 6.64 12.07
N LEU A 194 -20.63 7.55 11.14
CA LEU A 194 -21.23 7.17 9.88
C LEU A 194 -20.26 6.29 9.09
N SER A 195 -20.80 5.29 8.39
CA SER A 195 -19.97 4.33 7.68
C SER A 195 -20.57 4.06 6.31
N SER A 196 -19.70 3.69 5.36
CA SER A 196 -20.14 3.15 4.09
C SER A 196 -20.49 1.67 4.27
N GLY A 197 -21.20 1.14 3.27
CA GLY A 197 -21.41 -0.29 3.23
C GLY A 197 -20.11 -0.96 2.86
N PRO A 198 -19.94 -2.21 3.27
CA PRO A 198 -18.69 -2.91 2.98
C PRO A 198 -18.51 -3.17 1.49
N ILE A 199 -17.25 -3.26 1.06
CA ILE A 199 -16.96 -3.63 -0.32
C ILE A 199 -17.10 -5.14 -0.45
N ASP A 200 -17.60 -5.59 -1.60
CA ASP A 200 -17.76 -7.02 -1.85
C ASP A 200 -16.39 -7.58 -2.22
N SER A 201 -15.78 -8.37 -1.34
CA SER A 201 -14.45 -8.88 -1.63
CA SER A 201 -14.46 -8.93 -1.60
C SER A 201 -14.42 -9.71 -2.90
N SER A 202 -15.56 -10.29 -3.32
CA SER A 202 -15.56 -11.16 -4.49
C SER A 202 -15.34 -10.41 -5.79
N VAL A 203 -15.55 -9.10 -5.82
CA VAL A 203 -15.37 -8.37 -7.08
C VAL A 203 -13.94 -7.83 -7.18
N LEU A 204 -13.09 -8.20 -6.22
CA LEU A 204 -11.71 -7.72 -6.21
C LEU A 204 -10.67 -8.78 -6.56
N SER A 205 -11.05 -10.07 -6.63
CA SER A 205 -10.17 -11.08 -7.21
C SER A 205 -11.03 -12.19 -7.79
N ARG A 206 -10.63 -12.69 -8.97
CA ARG A 206 -11.28 -13.85 -9.57
C ARG A 206 -10.90 -15.17 -8.91
N ASN A 207 -9.87 -15.15 -8.06
CA ASN A 207 -9.40 -16.36 -7.40
C ASN A 207 -10.23 -16.57 -6.13
N LYS A 208 -11.20 -17.49 -6.22
CA LYS A 208 -12.13 -17.71 -5.11
C LYS A 208 -11.41 -18.19 -3.86
N THR A 209 -10.33 -18.95 -4.00
CA THR A 209 -9.60 -19.40 -2.81
C THR A 209 -8.96 -18.21 -2.10
N GLU A 210 -8.38 -17.28 -2.86
CA GLU A 210 -7.79 -16.09 -2.25
C GLU A 210 -8.86 -15.22 -1.60
N VAL A 211 -10.04 -15.10 -2.22
CA VAL A 211 -11.13 -14.36 -1.59
C VAL A 211 -11.50 -14.99 -0.26
N ASP A 212 -11.59 -16.32 -0.22
CA ASP A 212 -11.95 -17.01 1.03
C ASP A 212 -10.89 -16.83 2.10
N ILE A 213 -9.60 -16.82 1.73
CA ILE A 213 -8.53 -16.56 2.69
C ILE A 213 -8.65 -15.15 3.26
N TYR A 214 -8.85 -14.17 2.38
CA TYR A 214 -9.05 -12.79 2.80
C TYR A 214 -10.21 -12.68 3.78
N ASN A 215 -11.31 -13.36 3.48
CA ASN A 215 -12.49 -13.33 4.36
C ASN A 215 -12.29 -14.09 5.66
N SER A 216 -11.22 -14.88 5.79
CA SER A 216 -10.94 -15.71 6.98
C SER A 216 -9.89 -15.12 7.89
N ASP A 217 -9.20 -14.08 7.45
CA ASP A 217 -8.05 -13.55 8.14
C ASP A 217 -8.52 -12.62 9.26
N PRO A 218 -8.29 -12.97 10.54
CA PRO A 218 -8.79 -12.12 11.62
C PRO A 218 -8.10 -10.76 11.70
N LEU A 219 -7.00 -10.54 11.02
CA LEU A 219 -6.32 -9.24 11.07
C LEU A 219 -6.82 -8.28 10.02
N ILE A 220 -7.74 -8.70 9.17
CA ILE A 220 -8.31 -7.84 8.14
C ILE A 220 -9.54 -7.17 8.72
N CYS A 221 -9.67 -5.87 8.48
CA CYS A 221 -10.92 -5.16 8.76
C CYS A 221 -11.77 -5.22 7.50
N ARG A 222 -12.87 -5.96 7.54
CA ARG A 222 -13.80 -6.03 6.42
C ARG A 222 -15.11 -5.32 6.72
N ALA A 223 -15.21 -4.63 7.85
CA ALA A 223 -16.37 -3.81 8.13
C ALA A 223 -16.45 -2.64 7.14
N GLY A 224 -17.64 -2.08 7.02
CA GLY A 224 -17.81 -0.92 6.18
C GLY A 224 -16.88 0.21 6.59
N LEU A 225 -16.41 0.97 5.61
CA LEU A 225 -15.42 2.00 5.86
C LEU A 225 -16.05 3.16 6.61
N LYS A 226 -15.41 3.59 7.70
CA LYS A 226 -15.81 4.82 8.36
C LYS A 226 -15.68 5.98 7.38
N VAL A 227 -16.72 6.81 7.30
CA VAL A 227 -16.73 7.91 6.33
C VAL A 227 -15.51 8.82 6.52
N CYS A 228 -15.09 9.06 7.76
CA CYS A 228 -13.90 9.89 8.00
CA CYS A 228 -13.92 9.90 7.97
C CYS A 228 -12.67 9.30 7.33
N PHE A 229 -12.56 7.96 7.32
CA PHE A 229 -11.41 7.35 6.67
C PHE A 229 -11.53 7.46 5.16
N GLY A 230 -12.73 7.22 4.63
CA GLY A 230 -12.93 7.40 3.20
C GLY A 230 -12.64 8.82 2.74
N ILE A 231 -12.85 9.79 3.63
CA ILE A 231 -12.47 11.17 3.31
C ILE A 231 -10.96 11.29 3.17
N GLN A 232 -10.20 10.58 4.00
CA GLN A 232 -8.76 10.62 3.86
C GLN A 232 -8.30 9.93 2.57
N LEU A 233 -9.05 8.91 2.12
CA LEU A 233 -8.74 8.30 0.83
C LEU A 233 -9.04 9.28 -0.30
N LEU A 234 -10.11 10.07 -0.16
CA LEU A 234 -10.35 11.15 -1.11
C LEU A 234 -9.21 12.15 -1.10
N ASN A 235 -8.70 12.48 0.10
CA ASN A 235 -7.53 13.34 0.18
C ASN A 235 -6.34 12.68 -0.50
N ALA A 236 -6.19 11.37 -0.35
CA ALA A 236 -5.07 10.68 -0.98
C ALA A 236 -5.14 10.84 -2.49
N VAL A 237 -6.33 10.65 -3.07
CA VAL A 237 -6.51 10.80 -4.52
C VAL A 237 -6.14 12.21 -4.96
N SER A 238 -6.62 13.21 -4.23
CA SER A 238 -6.30 14.60 -4.56
CA SER A 238 -6.30 14.60 -4.56
C SER A 238 -4.81 14.85 -4.51
N ARG A 239 -4.14 14.35 -3.47
CA ARG A 239 -2.73 14.60 -3.32
C ARG A 239 -1.92 13.86 -4.38
N VAL A 240 -2.35 12.64 -4.72
CA VAL A 240 -1.67 11.89 -5.78
C VAL A 240 -1.75 12.66 -7.10
N GLU A 241 -2.92 13.23 -7.39
CA GLU A 241 -3.05 13.99 -8.62
C GLU A 241 -2.06 15.14 -8.67
N ARG A 242 -1.96 15.90 -7.57
CA ARG A 242 -1.02 17.03 -7.55
C ARG A 242 0.42 16.55 -7.61
N ALA A 243 0.69 15.32 -7.16
CA ALA A 243 2.07 14.82 -7.12
C ALA A 243 2.54 14.28 -8.46
N LEU A 244 1.64 13.75 -9.28
CA LEU A 244 2.03 13.07 -10.51
C LEU A 244 2.91 13.90 -11.42
N PRO A 245 2.54 15.14 -11.80
CA PRO A 245 3.39 15.91 -12.72
C PRO A 245 4.77 16.20 -12.17
N LYS A 246 5.05 15.88 -10.91
CA LYS A 246 6.36 16.10 -10.31
C LYS A 246 7.09 14.81 -9.98
N LEU A 247 6.46 13.67 -10.17
CA LEU A 247 7.06 12.38 -9.85
C LEU A 247 8.15 12.05 -10.88
N THR A 248 9.32 11.63 -10.39
CA THR A 248 10.45 11.28 -11.26
C THR A 248 11.02 9.91 -10.99
N VAL A 249 10.54 9.21 -9.96
CA VAL A 249 11.15 7.93 -9.56
C VAL A 249 10.87 6.88 -10.63
N PRO A 250 11.79 5.96 -10.89
CA PRO A 250 11.47 4.85 -11.80
C PRO A 250 10.32 4.02 -11.23
N PHE A 251 9.45 3.52 -12.11
CA PHE A 251 8.37 2.71 -11.60
C PHE A 251 7.88 1.67 -12.60
N LEU A 252 7.42 0.55 -12.04
CA LEU A 252 6.68 -0.50 -12.71
C LEU A 252 5.27 -0.46 -12.19
N LEU A 253 4.31 -0.40 -13.11
CA LEU A 253 2.90 -0.24 -12.80
C LEU A 253 2.14 -1.44 -13.35
N LEU A 254 1.52 -2.20 -12.46
CA LEU A 254 0.76 -3.39 -12.82
C LEU A 254 -0.71 -3.12 -12.55
N GLN A 255 -1.55 -3.32 -13.57
CA GLN A 255 -2.95 -2.92 -13.48
C GLN A 255 -3.84 -3.93 -14.18
N GLY A 256 -4.94 -4.31 -13.52
CA GLY A 256 -5.93 -5.20 -14.12
C GLY A 256 -6.96 -4.37 -14.87
N SER A 257 -7.39 -4.87 -16.03
CA SER A 257 -8.34 -4.11 -16.84
C SER A 257 -9.73 -4.14 -16.25
N ALA A 258 -10.01 -5.10 -15.36
CA ALA A 258 -11.33 -5.27 -14.77
C ALA A 258 -11.32 -4.86 -13.30
N ASP A 259 -10.50 -3.88 -12.95
CA ASP A 259 -10.34 -3.47 -11.55
C ASP A 259 -11.54 -2.61 -11.18
N ARG A 260 -12.34 -3.09 -10.21
CA ARG A 260 -13.57 -2.43 -9.81
C ARG A 260 -13.37 -1.38 -8.73
N LEU A 261 -12.13 -1.19 -8.29
CA LEU A 261 -11.83 -0.31 -7.16
C LEU A 261 -10.88 0.80 -7.57
N CYS A 262 -9.69 0.47 -8.05
CA CYS A 262 -8.74 1.46 -8.57
C CYS A 262 -8.88 1.41 -10.08
N ASP A 263 -9.60 2.39 -10.61
CA ASP A 263 -9.99 2.33 -12.00
C ASP A 263 -8.76 2.38 -12.89
N SER A 264 -8.77 1.56 -13.94
CA SER A 264 -7.60 1.48 -14.82
C SER A 264 -7.28 2.82 -15.46
N LYS A 265 -8.26 3.73 -15.58
CA LYS A 265 -7.94 5.05 -16.10
C LYS A 265 -6.88 5.74 -15.26
N GLY A 266 -6.85 5.46 -13.95
CA GLY A 266 -5.80 6.02 -13.11
C GLY A 266 -4.41 5.54 -13.50
N ALA A 267 -4.28 4.27 -13.88
CA ALA A 267 -2.98 3.77 -14.27
C ALA A 267 -2.52 4.43 -15.56
N TYR A 268 -3.44 4.63 -16.49
CA TYR A 268 -3.09 5.32 -17.74
C TYR A 268 -2.73 6.77 -17.47
N LEU A 269 -3.44 7.42 -16.53
CA LEU A 269 -3.11 8.80 -16.23
CA LEU A 269 -3.13 8.80 -16.19
C LEU A 269 -1.74 8.90 -15.55
N LEU A 270 -1.41 7.95 -14.68
CA LEU A 270 -0.08 7.93 -14.08
C LEU A 270 1.01 7.77 -15.14
N MET A 271 0.81 6.86 -16.11
CA MET A 271 1.78 6.74 -17.19
C MET A 271 1.90 8.02 -17.98
N GLU A 272 0.80 8.74 -18.17
CA GLU A 272 0.86 9.95 -18.97
C GLU A 272 1.47 11.13 -18.19
N LEU A 273 1.12 11.29 -16.91
CA LEU A 273 1.45 12.53 -16.23
C LEU A 273 2.75 12.48 -15.44
N ALA A 274 3.20 11.31 -15.01
CA ALA A 274 4.47 11.23 -14.31
C ALA A 274 5.61 11.70 -15.21
N LYS A 275 6.59 12.38 -14.61
CA LYS A 275 7.73 12.83 -15.39
C LYS A 275 8.86 11.80 -15.43
N SER A 276 8.70 10.69 -14.70
CA SER A 276 9.72 9.65 -14.62
CA SER A 276 9.71 9.65 -14.63
C SER A 276 10.22 9.26 -16.01
N GLN A 277 11.54 9.16 -16.15
CA GLN A 277 12.15 8.70 -17.39
C GLN A 277 12.13 7.18 -17.54
N ASP A 278 11.77 6.44 -16.48
CA ASP A 278 11.77 4.98 -16.48
C ASP A 278 10.42 4.54 -15.95
N LYS A 279 9.44 4.41 -16.84
CA LYS A 279 8.09 4.03 -16.43
C LYS A 279 7.56 2.96 -17.36
N THR A 280 6.94 1.93 -16.79
CA THR A 280 6.48 0.76 -17.51
C THR A 280 5.11 0.39 -16.96
N LEU A 281 4.17 0.11 -17.87
CA LEU A 281 2.83 -0.33 -17.54
C LEU A 281 2.59 -1.72 -18.10
N LYS A 282 2.12 -2.63 -17.26
CA LYS A 282 1.65 -3.92 -17.74
C LYS A 282 0.18 -4.03 -17.36
N ILE A 283 -0.67 -4.27 -18.37
CA ILE A 283 -2.11 -4.44 -18.18
C ILE A 283 -2.41 -5.93 -18.23
N TYR A 284 -3.17 -6.41 -17.24
CA TYR A 284 -3.61 -7.80 -17.17
C TYR A 284 -5.08 -7.85 -17.60
N GLU A 285 -5.31 -8.37 -18.81
CA GLU A 285 -6.63 -8.29 -19.43
C GLU A 285 -7.62 -9.18 -18.69
N GLY A 286 -8.71 -8.59 -18.22
CA GLY A 286 -9.74 -9.27 -17.47
C GLY A 286 -9.47 -9.47 -15.99
N ALA A 287 -8.26 -9.17 -15.52
CA ALA A 287 -7.92 -9.39 -14.11
C ALA A 287 -8.57 -8.36 -13.21
N TYR A 288 -8.84 -8.77 -11.97
CA TYR A 288 -9.44 -7.90 -10.98
C TYR A 288 -8.36 -7.17 -10.19
N HIS A 289 -8.78 -6.53 -9.10
CA HIS A 289 -7.93 -5.58 -8.38
C HIS A 289 -6.70 -6.24 -7.77
N VAL A 290 -6.84 -7.37 -7.09
CA VAL A 290 -5.75 -7.87 -6.24
C VAL A 290 -4.90 -8.80 -7.10
N LEU A 291 -4.01 -8.18 -7.89
CA LEU A 291 -3.27 -8.89 -8.94
C LEU A 291 -2.30 -9.92 -8.38
N HIS A 292 -1.72 -9.65 -7.21
CA HIS A 292 -0.81 -10.62 -6.60
C HIS A 292 -1.55 -11.73 -5.84
N LYS A 293 -2.89 -11.73 -5.85
CA LYS A 293 -3.70 -12.80 -5.26
C LYS A 293 -4.85 -13.12 -6.21
N GLU A 294 -4.54 -13.22 -7.50
CA GLU A 294 -5.50 -13.41 -8.58
C GLU A 294 -5.40 -14.84 -9.12
N LEU A 295 -5.88 -15.06 -10.34
CA LEU A 295 -5.75 -16.40 -10.90
C LEU A 295 -4.28 -16.74 -11.05
N PRO A 296 -3.92 -18.01 -10.94
CA PRO A 296 -2.50 -18.41 -10.94
C PRO A 296 -1.70 -17.86 -12.10
N GLU A 297 -2.26 -17.84 -13.30
CA GLU A 297 -1.50 -17.33 -14.44
C GLU A 297 -1.23 -15.84 -14.32
N VAL A 298 -2.14 -15.09 -13.69
CA VAL A 298 -1.91 -13.67 -13.45
C VAL A 298 -0.86 -13.49 -12.35
N THR A 299 -1.06 -14.15 -11.22
CA THR A 299 -0.16 -13.96 -10.09
C THR A 299 1.25 -14.44 -10.40
N ASN A 300 1.39 -15.55 -11.13
CA ASN A 300 2.72 -16.01 -11.48
C ASN A 300 3.43 -14.99 -12.36
N SER A 301 2.70 -14.39 -13.30
CA SER A 301 3.28 -13.33 -14.11
C SER A 301 3.65 -12.12 -13.27
N VAL A 302 2.76 -11.72 -12.35
CA VAL A 302 3.05 -10.58 -11.51
C VAL A 302 4.35 -10.78 -10.75
N PHE A 303 4.50 -11.95 -10.11
CA PHE A 303 5.74 -12.22 -9.40
C PHE A 303 6.94 -12.20 -10.34
N HIS A 304 6.81 -12.85 -11.51
CA HIS A 304 7.91 -12.88 -12.46
C HIS A 304 8.29 -11.48 -12.94
N GLU A 305 7.29 -10.64 -13.23
CA GLU A 305 7.58 -9.32 -13.77
C GLU A 305 8.23 -8.42 -12.72
N ILE A 306 7.80 -8.53 -11.46
CA ILE A 306 8.46 -7.77 -10.41
C ILE A 306 9.90 -8.27 -10.23
N ASN A 307 10.09 -9.59 -10.25
CA ASN A 307 11.42 -10.17 -10.17
C ASN A 307 12.33 -9.60 -11.24
N MET A 308 11.90 -9.61 -12.51
CA MET A 308 12.72 -9.10 -13.60
C MET A 308 13.02 -7.62 -13.41
N TRP A 309 12.00 -6.83 -13.07
CA TRP A 309 12.17 -5.39 -13.00
C TRP A 309 13.14 -5.00 -11.87
N VAL A 310 13.00 -5.62 -10.69
CA VAL A 310 13.89 -5.29 -9.59
C VAL A 310 15.29 -5.83 -9.85
N SER A 311 15.40 -7.04 -10.42
CA SER A 311 16.71 -7.60 -10.74
C SER A 311 17.49 -6.69 -11.68
N GLN A 312 16.81 -6.17 -12.70
CA GLN A 312 17.47 -5.30 -13.67
C GLN A 312 17.93 -4.00 -13.04
N ARG A 313 17.31 -3.57 -11.93
CA ARG A 313 17.62 -2.29 -11.32
C ARG A 313 18.44 -2.44 -10.05
N THR A 314 18.89 -3.66 -9.75
CA THR A 314 19.83 -3.90 -8.66
C THR A 314 21.07 -4.64 -9.11
N ALA A 315 21.21 -4.91 -10.41
CA ALA A 315 22.37 -5.61 -10.97
C ALA A 315 23.71 -5.01 -10.57
C1 EDO B . -27.94 11.33 9.63
O1 EDO B . -27.85 9.97 10.00
C2 EDO B . -29.08 11.50 8.67
O2 EDO B . -28.73 10.97 7.41
N1 A1IZ4 C . -8.32 -5.06 0.07
N3 A1IZ4 C . -7.52 -7.17 -0.46
C4 A1IZ4 C . -8.15 -8.29 -0.99
C6 A1IZ4 C . -8.50 -10.37 -1.79
C8 A1IZ4 C . -9.85 -10.15 -2.04
C10 A1IZ4 C . -9.48 -7.98 -1.21
C13 A1IZ4 C . -6.59 -3.37 -0.41
C15 A1IZ4 C . -7.40 -1.04 -0.48
C17 A1IZ4 C . -9.73 -0.14 -0.08
C20 A1IZ4 C . -12.44 2.05 -0.50
C22 A1IZ4 C . -10.46 1.84 -1.27
C24 A1IZ4 C . -8.26 1.00 -1.65
C26 A1IZ4 C . -14.44 3.58 -0.93
C28 A1IZ4 C . -16.35 3.23 0.44
C12 A1IZ4 C . -7.08 -4.45 0.56
C16 A1IZ4 C . -8.50 -0.05 -0.73
C18 A1IZ4 C . -10.67 0.81 -0.38
C2 A1IZ4 C . -8.49 -6.29 -0.39
C23 A1IZ4 C . -9.24 1.94 -1.92
C25 A1IZ4 C . -13.80 2.53 -0.23
C27 A1IZ4 C . -15.74 3.93 -0.58
C30 A1IZ4 C . -14.54 1.90 0.77
C31 A1IZ4 C . -13.84 4.40 -2.06
C32 A1IZ4 C . -13.73 3.71 -3.41
C33 A1IZ4 C . -14.81 4.74 -3.17
C34 A1IZ4 C . -12.84 5.52 -1.67
C35 A1IZ4 C . -11.98 6.20 -2.77
C36 A1IZ4 C . -12.10 7.51 -1.98
C37 A1IZ4 C . -13.34 6.92 -1.28
C39 A1IZ4 C . -8.88 -2.99 -1.14
C40 A1IZ4 C . -9.36 -4.05 -0.15
C9 A1IZ4 C . -10.36 -8.90 -1.73
N14 A1IZ4 C . -7.64 -2.37 -0.64
N21 A1IZ4 C . -11.62 2.62 -1.33
N29 A1IZ4 C . -15.79 2.24 1.12
N5 A1IZ4 C . -7.64 -9.49 -1.28
O11 A1IZ4 C . -9.71 -6.69 -0.82
O19 A1IZ4 C . -11.95 0.94 0.13
O38 A1IZ4 C . -6.29 -0.61 -0.22
CL7 A1IZ4 C . -7.81 -11.92 -2.17
#